data_8DEL
#
_entry.id   8DEL
#
_cell.length_a   43.778
_cell.length_b   77.076
_cell.length_c   92.653
_cell.angle_alpha   90.000
_cell.angle_beta   98.690
_cell.angle_gamma   90.000
#
_symmetry.space_group_name_H-M   'C 1 2 1'
#
loop_
_entity.id
_entity.type
_entity.pdbx_description
1 polymer 'Soluble cytochrome b562'
2 non-polymer 'ZINC ION'
3 non-polymer 'MAGNESIUM ION'
4 water water
#
_entity_poly.entity_id   1
_entity_poly.type   'polypeptide(L)'
_entity_poly.pdbx_seq_one_letter_code
;ADWEDNMETLNDNLKVIEKADNAAQVKDALKKMRKAALDAKKATPPKLEDKSPASPEMIDFRVGFDELAWEIHDAAHLAK
EGKVKEAQAAAEQLKTTVNAHWQKYR
;
_entity_poly.pdbx_strand_id   A,B,C
#
# COMPACT_ATOMS: atom_id res chain seq x y z
N ALA A 1 19.77 2.04 1.82
CA ALA A 1 19.87 3.48 1.64
C ALA A 1 19.99 4.26 2.98
N ASP A 2 19.45 5.48 2.99
CA ASP A 2 19.56 6.43 4.11
C ASP A 2 18.30 7.25 4.39
N TRP A 3 17.93 7.31 5.67
CA TRP A 3 16.73 8.02 6.11
C TRP A 3 16.72 9.51 5.76
N GLU A 4 17.70 10.27 6.25
CA GLU A 4 17.66 11.71 6.02
C GLU A 4 17.66 12.05 4.52
N ASP A 5 18.29 11.24 3.68
CA ASP A 5 18.23 11.61 2.27
C ASP A 5 16.83 11.39 1.72
N ASN A 6 16.11 10.39 2.24
CA ASN A 6 14.72 10.20 1.86
C ASN A 6 13.89 11.39 2.30
N MET A 7 14.15 11.92 3.50
CA MET A 7 13.44 13.12 3.94
C MET A 7 13.72 14.31 3.04
N GLU A 8 14.97 14.47 2.63
CA GLU A 8 15.30 15.57 1.74
C GLU A 8 14.62 15.41 0.36
N THR A 9 14.55 14.17 -0.17
CA THR A 9 13.81 13.95 -1.41
C THR A 9 12.34 14.33 -1.25
N LEU A 10 11.74 13.99 -0.11
CA LEU A 10 10.36 14.35 0.14
C LEU A 10 10.19 15.86 0.18
N ASN A 11 11.11 16.56 0.87
CA ASN A 11 10.99 18.01 1.02
C ASN A 11 11.19 18.73 -0.31
N ASP A 12 12.17 18.27 -1.09
CA ASP A 12 12.40 18.88 -2.39
C ASP A 12 11.21 18.68 -3.31
N ASN A 13 10.58 17.49 -3.26
CA ASN A 13 9.45 17.30 -4.18
C ASN A 13 8.21 18.01 -3.69
N LEU A 14 8.09 18.23 -2.38
CA LEU A 14 7.03 19.12 -1.90
C LEU A 14 7.20 20.52 -2.46
N LYS A 15 8.43 21.02 -2.50
CA LYS A 15 8.65 22.33 -3.09
CA LYS A 15 8.65 22.33 -3.09
C LYS A 15 8.31 22.33 -4.57
N VAL A 16 8.78 21.31 -5.31
CA VAL A 16 8.47 21.25 -6.73
C VAL A 16 6.97 21.30 -6.94
N ILE A 17 6.21 20.56 -6.11
CA ILE A 17 4.76 20.50 -6.24
C ILE A 17 4.13 21.88 -6.01
N GLU A 18 4.55 22.58 -4.94
CA GLU A 18 3.95 23.91 -4.73
C GLU A 18 4.27 24.87 -5.87
N LYS A 19 5.48 24.82 -6.41
CA LYS A 19 5.79 25.73 -7.50
C LYS A 19 5.24 25.30 -8.88
N ALA A 20 4.69 24.10 -9.01
CA ALA A 20 4.34 23.58 -10.33
C ALA A 20 3.11 24.29 -10.92
N ASP A 21 2.94 24.10 -12.25
CA ASP A 21 1.79 24.63 -13.00
C ASP A 21 0.88 23.57 -13.63
N ASN A 22 1.34 22.35 -13.87
CA ASN A 22 0.52 21.39 -14.57
C ASN A 22 0.50 20.04 -13.86
N ALA A 23 -0.50 19.24 -14.23
CA ALA A 23 -0.70 17.96 -13.56
C ALA A 23 0.52 17.07 -13.69
N ALA A 24 1.19 17.11 -14.85
CA ALA A 24 2.33 16.23 -15.04
C ALA A 24 3.42 16.53 -14.03
N GLN A 25 3.66 17.81 -13.73
CA GLN A 25 4.69 18.15 -12.76
C GLN A 25 4.36 17.62 -11.38
N VAL A 26 3.13 17.85 -10.92
CA VAL A 26 2.67 17.35 -9.63
C VAL A 26 2.74 15.82 -9.57
N LYS A 27 2.27 15.14 -10.63
CA LYS A 27 2.32 13.68 -10.67
C LYS A 27 3.75 13.17 -10.57
N ASP A 28 4.68 13.80 -11.31
CA ASP A 28 6.07 13.32 -11.27
C ASP A 28 6.65 13.46 -9.88
N ALA A 29 6.44 14.63 -9.25
CA ALA A 29 7.01 14.82 -7.93
C ALA A 29 6.36 13.89 -6.90
N LEU A 30 5.05 13.70 -6.97
CA LEU A 30 4.42 12.78 -6.02
C LEU A 30 4.91 11.35 -6.22
N LYS A 31 5.12 10.94 -7.47
CA LYS A 31 5.66 9.60 -7.69
C LYS A 31 7.05 9.49 -7.07
N LYS A 32 7.85 10.57 -7.15
CA LYS A 32 9.15 10.55 -6.47
C LYS A 32 8.99 10.51 -4.95
N MET A 33 7.99 11.21 -4.42
CA MET A 33 7.74 11.15 -2.98
C MET A 33 7.36 9.74 -2.56
N ARG A 34 6.50 9.09 -3.33
CA ARG A 34 6.11 7.74 -2.98
C ARG A 34 7.32 6.81 -3.01
N LYS A 35 8.17 6.93 -4.04
CA LYS A 35 9.40 6.15 -4.05
C LYS A 35 10.20 6.38 -2.78
N ALA A 36 10.40 7.64 -2.38
CA ALA A 36 11.25 7.93 -1.23
C ALA A 36 10.64 7.46 0.10
N ALA A 37 9.32 7.58 0.26
CA ALA A 37 8.64 7.08 1.47
C ALA A 37 8.76 5.56 1.57
N LEU A 38 8.51 4.86 0.46
CA LEU A 38 8.68 3.42 0.49
C LEU A 38 10.12 3.06 0.79
N ASP A 39 11.06 3.87 0.29
CA ASP A 39 12.46 3.60 0.57
C ASP A 39 12.76 3.77 2.05
N ALA A 40 12.22 4.84 2.65
CA ALA A 40 12.40 5.12 4.07
C ALA A 40 11.87 3.99 4.94
N LYS A 41 10.84 3.26 4.47
CA LYS A 41 10.44 2.03 5.17
C LYS A 41 11.63 1.11 5.44
N LYS A 42 12.67 1.18 4.60
CA LYS A 42 13.83 0.29 4.68
C LYS A 42 14.92 0.80 5.60
N ALA A 43 14.92 2.08 5.96
CA ALA A 43 16.00 2.63 6.75
C ALA A 43 15.67 2.54 8.23
N THR A 44 16.65 2.88 9.06
CA THR A 44 16.45 3.00 10.49
C THR A 44 16.68 4.45 10.87
N PRO A 45 15.72 5.13 11.52
CA PRO A 45 15.91 6.55 11.79
C PRO A 45 16.91 6.72 12.91
N PRO A 46 17.54 7.89 13.03
CA PRO A 46 18.49 8.10 14.14
C PRO A 46 17.92 7.78 15.51
N LYS A 47 16.76 8.35 15.86
CA LYS A 47 16.20 8.18 17.20
C LYS A 47 16.02 6.71 17.56
N LEU A 48 15.92 5.82 16.57
CA LEU A 48 15.67 4.41 16.85
C LEU A 48 16.90 3.55 16.54
N GLU A 49 18.08 4.15 16.42
CA GLU A 49 19.23 3.32 16.06
C GLU A 49 19.61 2.38 17.21
N ASP A 50 19.16 2.69 18.44
CA ASP A 50 19.36 1.85 19.62
C ASP A 50 18.29 0.75 19.75
N LYS A 51 17.33 0.68 18.82
CA LYS A 51 16.23 -0.26 18.88
C LYS A 51 16.40 -1.40 17.89
N SER A 52 15.72 -2.51 18.17
CA SER A 52 15.77 -3.69 17.32
C SER A 52 15.00 -3.41 16.03
N PRO A 53 15.42 -3.99 14.91
CA PRO A 53 14.62 -3.86 13.68
C PRO A 53 13.21 -4.41 13.82
N ALA A 54 12.97 -5.23 14.83
CA ALA A 54 11.69 -5.84 15.10
C ALA A 54 10.96 -5.18 16.26
N SER A 55 11.51 -4.11 16.80
CA SER A 55 10.91 -3.44 17.93
C SER A 55 9.54 -2.88 17.55
N PRO A 56 8.64 -2.73 18.52
CA PRO A 56 7.41 -1.98 18.27
C PRO A 56 7.69 -0.59 17.69
N GLU A 57 8.73 0.08 18.18
CA GLU A 57 9.08 1.41 17.68
C GLU A 57 9.33 1.38 16.18
N MET A 58 10.14 0.41 15.72
CA MET A 58 10.45 0.29 14.29
C MET A 58 9.23 -0.13 13.49
N ILE A 59 8.34 -0.91 14.09
CA ILE A 59 7.10 -1.29 13.39
C ILE A 59 6.26 -0.04 13.16
N ASP A 60 6.13 0.83 14.17
CA ASP A 60 5.35 2.04 14.01
C ASP A 60 6.00 2.96 13.01
N PHE A 61 7.33 2.96 13.00
CA PHE A 61 8.06 3.77 12.04
C PHE A 61 7.70 3.35 10.61
N ARG A 62 7.69 2.03 10.36
CA ARG A 62 7.38 1.58 9.01
C ARG A 62 5.93 1.84 8.63
N VAL A 63 5.01 1.62 9.58
CA VAL A 63 3.59 1.81 9.26
C VAL A 63 3.30 3.28 8.96
N GLY A 64 3.97 4.20 9.66
CA GLY A 64 3.83 5.61 9.33
C GLY A 64 4.19 5.91 7.89
N PHE A 65 5.20 5.25 7.35
CA PHE A 65 5.51 5.47 5.94
C PHE A 65 4.52 4.78 5.01
N ASP A 66 3.85 3.72 5.46
CA ASP A 66 2.72 3.22 4.67
C ASP A 66 1.59 4.24 4.61
N GLU A 67 1.32 4.89 5.74
CA GLU A 67 0.31 5.95 5.78
C GLU A 67 0.70 7.12 4.88
N LEU A 68 1.99 7.48 4.86
CA LEU A 68 2.42 8.59 4.01
C LEU A 68 2.26 8.22 2.55
N ALA A 69 2.59 6.98 2.18
CA ALA A 69 2.40 6.55 0.80
C ALA A 69 0.92 6.57 0.41
N TRP A 70 0.02 6.22 1.33
CA TRP A 70 -1.40 6.27 0.95
C TRP A 70 -1.88 7.71 0.78
N GLU A 71 -1.42 8.62 1.63
CA GLU A 71 -1.79 10.03 1.45
C GLU A 71 -1.24 10.56 0.13
N ILE A 72 0.02 10.22 -0.19
CA ILE A 72 0.58 10.59 -1.49
C ILE A 72 -0.31 10.05 -2.59
N HIS A 73 -0.82 8.84 -2.40
CA HIS A 73 -1.70 8.26 -3.38
C HIS A 73 -2.92 9.14 -3.61
N ASP A 74 -3.55 9.60 -2.53
CA ASP A 74 -4.75 10.43 -2.69
C ASP A 74 -4.44 11.70 -3.45
N ALA A 75 -3.32 12.33 -3.14
CA ALA A 75 -2.95 13.55 -3.87
C ALA A 75 -2.68 13.26 -5.34
N ALA A 76 -2.03 12.15 -5.66
CA ALA A 76 -1.81 11.81 -7.07
C ALA A 76 -3.12 11.56 -7.78
N HIS A 77 -4.07 10.90 -7.12
CA HIS A 77 -5.41 10.76 -7.70
C HIS A 77 -6.01 12.13 -8.05
N LEU A 78 -5.90 13.08 -7.14
CA LEU A 78 -6.41 14.43 -7.43
C LEU A 78 -5.72 15.00 -8.66
N ALA A 79 -4.40 14.86 -8.72
CA ALA A 79 -3.65 15.40 -9.86
C ALA A 79 -4.04 14.72 -11.16
N LYS A 80 -4.38 13.43 -11.11
CA LYS A 80 -4.78 12.74 -12.34
C LYS A 80 -6.13 13.22 -12.80
N GLU A 81 -7.03 13.50 -11.86
CA GLU A 81 -8.36 13.93 -12.25
C GLU A 81 -8.38 15.32 -12.88
N GLY A 82 -7.27 16.04 -12.86
CA GLY A 82 -7.24 17.39 -13.34
C GLY A 82 -7.43 18.44 -12.27
N LYS A 83 -7.42 18.05 -11.00
CA LYS A 83 -7.62 19.00 -9.91
C LYS A 83 -6.24 19.37 -9.36
N VAL A 84 -5.57 20.27 -10.10
CA VAL A 84 -4.18 20.60 -9.79
C VAL A 84 -4.09 21.32 -8.45
N LYS A 85 -5.01 22.25 -8.20
CA LYS A 85 -4.94 23.03 -6.97
C LYS A 85 -5.27 22.18 -5.77
N GLU A 86 -6.29 21.32 -5.87
CA GLU A 86 -6.57 20.44 -4.75
C GLU A 86 -5.39 19.53 -4.45
N ALA A 87 -4.71 19.03 -5.49
CA ALA A 87 -3.52 18.23 -5.29
C ALA A 87 -2.45 19.03 -4.55
N GLN A 88 -2.28 20.30 -4.89
CA GLN A 88 -1.30 21.12 -4.16
C GLN A 88 -1.70 21.32 -2.70
N ALA A 89 -2.98 21.49 -2.43
CA ALA A 89 -3.42 21.64 -1.04
C ALA A 89 -3.11 20.38 -0.24
N ALA A 90 -3.51 19.23 -0.82
CA ALA A 90 -3.15 17.94 -0.24
C ALA A 90 -1.65 17.86 0.03
N ALA A 91 -0.85 18.38 -0.89
CA ALA A 91 0.60 18.33 -0.71
C ALA A 91 1.04 19.17 0.48
N GLU A 92 0.41 20.32 0.70
CA GLU A 92 0.73 21.14 1.87
C GLU A 92 0.53 20.34 3.15
N GLN A 93 -0.55 19.57 3.21
CA GLN A 93 -0.71 18.72 4.39
C GLN A 93 0.29 17.57 4.43
N LEU A 94 0.67 17.03 3.27
CA LEU A 94 1.78 16.07 3.26
C LEU A 94 3.01 16.68 3.91
N LYS A 95 3.27 17.98 3.65
CA LYS A 95 4.38 18.69 4.29
C LYS A 95 4.21 18.73 5.81
N THR A 96 2.99 18.97 6.27
CA THR A 96 2.77 18.94 7.71
C THR A 96 3.14 17.57 8.27
N THR A 97 2.66 16.50 7.62
CA THR A 97 2.95 15.14 8.08
C THR A 97 4.43 14.85 8.08
N VAL A 98 5.13 15.31 7.04
CA VAL A 98 6.56 15.03 6.88
C VAL A 98 7.37 15.76 7.95
N ASN A 99 7.06 17.03 8.20
CA ASN A 99 7.81 17.76 9.24
C ASN A 99 7.53 17.20 10.62
N ALA A 100 6.31 16.70 10.85
CA ALA A 100 6.05 15.99 12.11
C ALA A 100 6.90 14.74 12.22
N HIS A 101 7.00 13.99 11.13
CA HIS A 101 7.79 12.77 11.17
C HIS A 101 9.27 13.09 11.37
N TRP A 102 9.74 14.13 10.69
CA TRP A 102 11.12 14.57 10.83
C TRP A 102 11.43 14.98 12.27
N GLN A 103 10.48 15.64 12.93
CA GLN A 103 10.69 15.98 14.33
C GLN A 103 10.75 14.73 15.20
N LYS A 104 9.70 13.90 15.14
CA LYS A 104 9.60 12.76 16.05
C LYS A 104 10.85 11.88 15.98
N TYR A 105 11.27 11.51 14.79
CA TYR A 105 12.42 10.65 14.54
C TYR A 105 13.53 11.55 14.05
N ARG A 106 14.51 11.86 14.87
CA ARG A 106 15.55 12.76 14.36
C ARG A 106 16.76 12.77 15.25
N ALA B 1 0.96 -19.66 1.35
CA ALA B 1 1.74 -20.45 0.41
C ALA B 1 3.23 -20.18 0.56
N ASP B 2 3.94 -20.23 -0.56
CA ASP B 2 5.37 -19.99 -0.49
C ASP B 2 5.82 -19.22 -1.73
N TRP B 3 7.05 -18.72 -1.66
CA TRP B 3 7.60 -17.76 -2.62
C TRP B 3 7.48 -18.20 -4.08
N GLU B 4 7.95 -19.43 -4.37
CA GLU B 4 7.96 -19.97 -5.74
C GLU B 4 6.62 -19.87 -6.43
N ASP B 5 5.55 -20.18 -5.71
CA ASP B 5 4.25 -20.16 -6.36
C ASP B 5 3.79 -18.72 -6.60
N ASN B 6 4.16 -17.80 -5.71
CA ASN B 6 3.83 -16.39 -5.94
C ASN B 6 4.54 -15.85 -7.16
N MET B 7 5.83 -16.18 -7.33
CA MET B 7 6.53 -15.82 -8.56
C MET B 7 5.87 -16.45 -9.78
N GLU B 8 5.41 -17.70 -9.64
CA GLU B 8 4.74 -18.34 -10.76
C GLU B 8 3.48 -17.61 -11.14
N THR B 9 2.66 -17.22 -10.15
CA THR B 9 1.44 -16.47 -10.42
C THR B 9 1.75 -15.16 -11.09
N LEU B 10 2.80 -14.48 -10.62
CA LEU B 10 3.18 -13.20 -11.22
C LEU B 10 3.52 -13.37 -12.69
N ASN B 11 4.36 -14.36 -13.03
CA ASN B 11 4.72 -14.49 -14.44
CA ASN B 11 4.73 -14.55 -14.44
C ASN B 11 3.55 -15.04 -15.28
N ASP B 12 2.71 -15.91 -14.71
CA ASP B 12 1.54 -16.38 -15.45
C ASP B 12 0.63 -15.21 -15.84
N ASN B 13 0.38 -14.31 -14.88
CA ASN B 13 -0.49 -13.19 -15.20
C ASN B 13 0.21 -12.14 -16.05
N LEU B 14 1.53 -12.03 -15.98
CA LEU B 14 2.23 -11.17 -16.95
C LEU B 14 2.05 -11.70 -18.37
N LYS B 15 2.05 -13.03 -18.53
CA LYS B 15 1.82 -13.59 -19.85
C LYS B 15 0.39 -13.36 -20.30
N VAL B 16 -0.57 -13.53 -19.37
CA VAL B 16 -1.96 -13.19 -19.69
C VAL B 16 -2.03 -11.75 -20.19
N ILE B 17 -1.32 -10.84 -19.51
CA ILE B 17 -1.39 -9.41 -19.85
C ILE B 17 -0.83 -9.16 -21.24
N GLU B 18 0.32 -9.77 -21.58
CA GLU B 18 0.82 -9.60 -22.95
C GLU B 18 -0.17 -10.15 -23.98
N LYS B 19 -0.80 -11.30 -23.67
CA LYS B 19 -1.73 -11.96 -24.60
C LYS B 19 -3.10 -11.29 -24.68
N ALA B 20 -3.42 -10.38 -23.75
CA ALA B 20 -4.78 -9.92 -23.61
C ALA B 20 -5.20 -9.08 -24.81
N ASP B 21 -6.52 -8.89 -24.95
CA ASP B 21 -7.10 -8.13 -26.04
C ASP B 21 -7.83 -6.87 -25.58
N ASN B 22 -8.36 -6.84 -24.35
CA ASN B 22 -9.11 -5.67 -23.88
C ASN B 22 -8.69 -5.32 -22.45
N ALA B 23 -9.18 -4.14 -22.01
CA ALA B 23 -8.83 -3.60 -20.69
C ALA B 23 -9.22 -4.54 -19.55
N ALA B 24 -10.36 -5.22 -19.65
CA ALA B 24 -10.83 -6.04 -18.54
C ALA B 24 -9.84 -7.17 -18.24
N GLN B 25 -9.30 -7.80 -19.27
CA GLN B 25 -8.37 -8.89 -19.06
C GLN B 25 -7.13 -8.42 -18.31
N VAL B 26 -6.57 -7.29 -18.75
CA VAL B 26 -5.41 -6.72 -18.06
C VAL B 26 -5.74 -6.43 -16.61
N LYS B 27 -6.90 -5.83 -16.35
CA LYS B 27 -7.30 -5.49 -14.98
C LYS B 27 -7.36 -6.72 -14.08
N ASP B 28 -8.00 -7.79 -14.56
CA ASP B 28 -8.07 -9.01 -13.76
C ASP B 28 -6.70 -9.62 -13.53
N ALA B 29 -5.86 -9.63 -14.57
CA ALA B 29 -4.54 -10.18 -14.39
C ALA B 29 -3.74 -9.37 -13.38
N LEU B 30 -3.87 -8.03 -13.40
CA LEU B 30 -3.17 -7.20 -12.44
C LEU B 30 -3.69 -7.41 -11.02
N LYS B 31 -5.00 -7.67 -10.87
CA LYS B 31 -5.53 -7.98 -9.55
C LYS B 31 -4.92 -9.27 -9.00
N LYS B 32 -4.76 -10.29 -9.87
CA LYS B 32 -4.08 -11.51 -9.43
C LYS B 32 -2.61 -11.24 -9.11
N MET B 33 -1.96 -10.36 -9.86
CA MET B 33 -0.59 -9.99 -9.53
C MET B 33 -0.50 -9.27 -8.18
N ARG B 34 -1.41 -8.35 -7.89
CA ARG B 34 -1.33 -7.67 -6.60
C ARG B 34 -1.57 -8.64 -5.46
N LYS B 35 -2.53 -9.54 -5.64
CA LYS B 35 -2.76 -10.58 -4.64
C LYS B 35 -1.51 -11.41 -4.42
N ALA B 36 -0.85 -11.81 -5.51
CA ALA B 36 0.35 -12.64 -5.38
C ALA B 36 1.50 -11.86 -4.71
N ALA B 37 1.65 -10.58 -5.04
CA ALA B 37 2.72 -9.79 -4.42
C ALA B 37 2.47 -9.62 -2.92
N LEU B 38 1.25 -9.27 -2.54
CA LEU B 38 0.95 -9.15 -1.12
C LEU B 38 1.18 -10.48 -0.42
N ASP B 39 0.86 -11.59 -1.09
CA ASP B 39 1.08 -12.91 -0.50
C ASP B 39 2.56 -13.18 -0.31
N ALA B 40 3.37 -12.90 -1.33
CA ALA B 40 4.81 -13.11 -1.22
C ALA B 40 5.40 -12.32 -0.06
N LYS B 41 4.76 -11.21 0.32
CA LYS B 41 5.18 -10.50 1.53
C LYS B 41 5.26 -11.41 2.77
N LYS B 42 4.45 -12.47 2.80
CA LYS B 42 4.36 -13.38 3.93
C LYS B 42 5.37 -14.53 3.83
N ALA B 43 5.96 -14.75 2.67
CA ALA B 43 6.84 -15.89 2.51
C ALA B 43 8.27 -15.50 2.88
N THR B 44 9.14 -16.51 2.96
CA THR B 44 10.58 -16.34 3.10
C THR B 44 11.24 -16.97 1.88
N PRO B 45 12.07 -16.22 1.15
CA PRO B 45 12.63 -16.76 -0.08
C PRO B 45 13.70 -17.81 0.22
N PRO B 46 14.07 -18.63 -0.76
CA PRO B 46 15.14 -19.60 -0.52
C PRO B 46 16.42 -18.97 -0.02
N LYS B 47 16.92 -17.93 -0.72
CA LYS B 47 18.19 -17.31 -0.34
C LYS B 47 18.20 -16.78 1.08
N LEU B 48 17.04 -16.45 1.64
CA LEU B 48 16.96 -15.91 3.00
C LEU B 48 16.39 -16.92 3.98
N GLU B 49 16.43 -18.21 3.61
CA GLU B 49 15.94 -19.25 4.51
C GLU B 49 16.81 -19.29 5.76
N ASP B 50 18.08 -18.91 5.63
CA ASP B 50 19.05 -18.85 6.72
C ASP B 50 19.07 -17.52 7.47
N LYS B 51 18.25 -16.53 7.09
CA LYS B 51 18.19 -15.25 7.76
C LYS B 51 16.90 -15.14 8.56
N SER B 52 16.93 -14.29 9.60
CA SER B 52 15.80 -14.15 10.50
C SER B 52 14.63 -13.42 9.83
N PRO B 53 13.39 -13.74 10.22
CA PRO B 53 12.23 -12.98 9.70
C PRO B 53 12.28 -11.49 9.99
N ALA B 54 13.02 -11.06 11.01
CA ALA B 54 13.15 -9.64 11.34
C ALA B 54 14.50 -9.10 10.93
N SER B 55 15.33 -9.90 10.25
CA SER B 55 16.61 -9.40 9.81
C SER B 55 16.39 -8.24 8.86
N PRO B 56 17.34 -7.32 8.77
CA PRO B 56 17.22 -6.25 7.76
C PRO B 56 16.88 -6.77 6.37
N GLU B 57 17.47 -7.90 5.99
CA GLU B 57 17.23 -8.49 4.67
C GLU B 57 15.76 -8.80 4.45
N MET B 58 15.10 -9.41 5.44
CA MET B 58 13.67 -9.70 5.30
C MET B 58 12.83 -8.44 5.21
N ILE B 59 13.23 -7.38 5.90
CA ILE B 59 12.52 -6.10 5.76
C ILE B 59 12.65 -5.60 4.33
N ASP B 60 13.85 -5.65 3.76
CA ASP B 60 13.97 -5.18 2.39
C ASP B 60 13.18 -6.07 1.44
N PHE B 61 13.09 -7.36 1.74
CA PHE B 61 12.31 -8.27 0.91
C PHE B 61 10.83 -7.86 0.91
N ARG B 62 10.29 -7.61 2.10
CA ARG B 62 8.88 -7.27 2.17
C ARG B 62 8.63 -5.90 1.55
N VAL B 63 9.55 -4.94 1.77
CA VAL B 63 9.36 -3.62 1.18
C VAL B 63 9.45 -3.69 -0.34
N GLY B 64 10.32 -4.53 -0.87
CA GLY B 64 10.34 -4.72 -2.30
C GLY B 64 8.99 -5.18 -2.79
N PHE B 65 8.31 -6.03 -2.02
CA PHE B 65 6.98 -6.41 -2.51
C PHE B 65 5.94 -5.31 -2.33
N ASP B 66 6.14 -4.39 -1.39
CA ASP B 66 5.29 -3.20 -1.33
C ASP B 66 5.52 -2.29 -2.55
N GLU B 67 6.78 -2.14 -2.96
CA GLU B 67 7.06 -1.38 -4.18
C GLU B 67 6.42 -2.04 -5.40
N LEU B 68 6.48 -3.36 -5.48
CA LEU B 68 5.85 -4.05 -6.60
C LEU B 68 4.35 -3.86 -6.55
N ALA B 69 3.75 -3.88 -5.36
CA ALA B 69 2.30 -3.64 -5.27
C ALA B 69 1.94 -2.26 -5.78
N TRP B 70 2.76 -1.24 -5.44
CA TRP B 70 2.44 0.11 -5.92
C TRP B 70 2.64 0.25 -7.43
N GLU B 71 3.68 -0.38 -7.99
CA GLU B 71 3.83 -0.32 -9.43
C GLU B 71 2.66 -1.02 -10.12
N ILE B 72 2.27 -2.19 -9.61
CA ILE B 72 1.10 -2.88 -10.12
C ILE B 72 -0.10 -1.96 -10.08
N HIS B 73 -0.23 -1.20 -8.98
CA HIS B 73 -1.35 -0.28 -8.84
C HIS B 73 -1.40 0.69 -9.99
N ASP B 74 -0.25 1.29 -10.32
CA ASP B 74 -0.23 2.25 -11.43
C ASP B 74 -0.65 1.60 -12.75
N ALA B 75 -0.15 0.39 -13.01
CA ALA B 75 -0.59 -0.30 -14.22
C ALA B 75 -2.10 -0.59 -14.17
N ALA B 76 -2.62 -0.96 -13.00
CA ALA B 76 -4.05 -1.19 -12.87
C ALA B 76 -4.83 0.08 -13.16
N HIS B 77 -4.31 1.24 -12.75
CA HIS B 77 -4.93 2.51 -13.09
C HIS B 77 -5.04 2.67 -14.59
N LEU B 78 -3.94 2.37 -15.30
CA LEU B 78 -4.02 2.50 -16.74
C LEU B 78 -5.11 1.57 -17.31
N ALA B 79 -5.17 0.33 -16.79
CA ALA B 79 -6.16 -0.64 -17.28
C ALA B 79 -7.60 -0.21 -16.95
N LYS B 80 -7.81 0.41 -15.78
CA LYS B 80 -9.15 0.84 -15.39
C LYS B 80 -9.60 2.04 -16.20
N GLU B 81 -8.66 2.90 -16.63
CA GLU B 81 -8.99 3.99 -17.54
C GLU B 81 -9.33 3.50 -18.95
N GLY B 82 -9.03 2.24 -19.28
CA GLY B 82 -9.31 1.71 -20.59
C GLY B 82 -8.16 1.76 -21.57
N LYS B 83 -6.94 2.10 -21.12
CA LYS B 83 -5.80 2.27 -22.02
C LYS B 83 -5.01 0.97 -22.07
N VAL B 84 -5.46 0.06 -22.93
CA VAL B 84 -4.94 -1.31 -22.92
C VAL B 84 -3.47 -1.33 -23.29
N LYS B 85 -3.08 -0.50 -24.27
CA LYS B 85 -1.69 -0.54 -24.73
C LYS B 85 -0.75 0.01 -23.67
N GLU B 86 -1.10 1.14 -23.07
CA GLU B 86 -0.27 1.71 -22.02
C GLU B 86 -0.15 0.79 -20.83
N ALA B 87 -1.25 0.12 -20.46
CA ALA B 87 -1.18 -0.85 -19.38
C ALA B 87 -0.22 -1.98 -19.74
N GLN B 88 -0.29 -2.46 -20.98
CA GLN B 88 0.61 -3.51 -21.41
C GLN B 88 2.07 -3.06 -21.36
N ALA B 89 2.31 -1.80 -21.73
CA ALA B 89 3.66 -1.24 -21.67
C ALA B 89 4.17 -1.21 -20.24
N ALA B 90 3.36 -0.69 -19.32
CA ALA B 90 3.70 -0.70 -17.90
C ALA B 90 3.99 -2.12 -17.41
N ALA B 91 3.17 -3.08 -17.83
CA ALA B 91 3.36 -4.46 -17.40
C ALA B 91 4.72 -5.00 -17.84
N GLU B 92 5.22 -4.55 -19.00
CA GLU B 92 6.58 -4.95 -19.39
C GLU B 92 7.63 -4.54 -18.35
N GLN B 93 7.53 -3.32 -17.82
CA GLN B 93 8.48 -2.92 -16.78
C GLN B 93 8.24 -3.70 -15.50
N LEU B 94 6.97 -3.99 -15.18
CA LEU B 94 6.70 -4.90 -14.07
C LEU B 94 7.44 -6.22 -14.25
N LYS B 95 7.46 -6.74 -15.49
CA LYS B 95 8.17 -7.98 -15.77
C LYS B 95 9.66 -7.82 -15.51
N THR B 96 10.22 -6.67 -15.85
CA THR B 96 11.62 -6.42 -15.50
C THR B 96 11.83 -6.54 -14.00
N THR B 97 10.96 -5.87 -13.22
CA THR B 97 11.08 -5.91 -11.75
C THR B 97 10.95 -7.33 -11.23
N VAL B 98 10.02 -8.10 -11.78
CA VAL B 98 9.78 -9.44 -11.27
C VAL B 98 10.98 -10.35 -11.61
N ASN B 99 11.48 -10.29 -12.84
CA ASN B 99 12.60 -11.16 -13.21
C ASN B 99 13.85 -10.82 -12.42
N ALA B 100 14.09 -9.52 -12.17
CA ALA B 100 15.22 -9.15 -11.31
C ALA B 100 15.04 -9.68 -9.90
N HIS B 101 13.81 -9.62 -9.37
CA HIS B 101 13.59 -10.10 -8.01
C HIS B 101 13.81 -11.61 -7.93
N TRP B 102 13.31 -12.34 -8.92
CA TRP B 102 13.49 -13.78 -8.95
C TRP B 102 14.97 -14.12 -9.08
N GLN B 103 15.69 -13.30 -9.86
CA GLN B 103 17.12 -13.50 -10.02
C GLN B 103 17.83 -13.38 -8.69
N LYS B 104 17.54 -12.32 -7.93
CA LYS B 104 18.25 -12.11 -6.67
C LYS B 104 17.93 -13.20 -5.66
N TYR B 105 16.65 -13.48 -5.44
CA TYR B 105 16.30 -14.32 -4.31
C TYR B 105 16.09 -15.78 -4.68
N ARG B 106 16.34 -16.16 -5.92
CA ARG B 106 16.16 -17.53 -6.41
C ARG B 106 16.63 -18.63 -5.44
N ALA C 1 -0.73 -0.17 19.56
CA ALA C 1 -1.91 0.65 19.27
C ALA C 1 -3.14 0.17 20.05
N ASP C 2 -4.32 0.21 19.40
CA ASP C 2 -5.56 -0.16 20.09
C ASP C 2 -6.43 -0.97 19.07
N TRP C 3 -6.06 -2.26 18.93
CA TRP C 3 -6.69 -3.18 17.97
C TRP C 3 -8.20 -3.28 18.14
N GLU C 4 -8.64 -3.40 19.39
CA GLU C 4 -9.99 -3.76 19.75
C GLU C 4 -11.04 -2.89 19.04
N ASP C 5 -10.82 -1.59 18.99
CA ASP C 5 -11.74 -0.61 18.41
C ASP C 5 -11.52 -0.30 16.93
N ASN C 6 -10.34 -0.57 16.37
CA ASN C 6 -10.22 -0.39 14.93
C ASN C 6 -11.21 -1.30 14.21
N MET C 7 -11.39 -2.51 14.72
CA MET C 7 -12.41 -3.41 14.17
C MET C 7 -13.81 -2.81 14.32
N GLU C 8 -14.07 -2.17 15.48
CA GLU C 8 -15.34 -1.50 15.70
C GLU C 8 -15.53 -0.38 14.69
N THR C 9 -14.47 0.39 14.43
CA THR C 9 -14.54 1.51 13.49
C THR C 9 -14.84 1.02 12.08
N LEU C 10 -14.17 -0.08 11.67
CA LEU C 10 -14.47 -0.64 10.35
C LEU C 10 -15.92 -1.11 10.28
N ASN C 11 -16.40 -1.80 11.31
CA ASN C 11 -17.79 -2.29 11.28
C ASN C 11 -18.79 -1.13 11.25
N ASP C 12 -18.54 -0.08 12.03
CA ASP C 12 -19.45 1.07 12.05
C ASP C 12 -19.44 1.82 10.73
N ASN C 13 -18.28 1.92 10.07
CA ASN C 13 -18.29 2.59 8.77
C ASN C 13 -18.88 1.71 7.69
N LEU C 14 -18.83 0.37 7.84
CA LEU C 14 -19.61 -0.49 6.96
C LEU C 14 -21.11 -0.32 7.18
N LYS C 15 -21.53 -0.14 8.43
CA LYS C 15 -22.92 0.24 8.69
C LYS C 15 -23.25 1.57 8.02
N VAL C 16 -22.32 2.53 8.09
CA VAL C 16 -22.54 3.81 7.42
C VAL C 16 -22.71 3.60 5.92
N ILE C 17 -21.86 2.77 5.32
CA ILE C 17 -21.87 2.57 3.87
C ILE C 17 -23.18 1.93 3.43
N GLU C 18 -23.61 0.87 4.14
CA GLU C 18 -24.84 0.18 3.76
C GLU C 18 -26.04 1.12 3.82
N LYS C 19 -26.08 1.97 4.83
CA LYS C 19 -27.16 2.92 5.02
C LYS C 19 -27.05 4.13 4.12
N ALA C 20 -25.92 4.30 3.44
CA ALA C 20 -25.61 5.58 2.83
C ALA C 20 -26.54 5.85 1.65
N ASP C 21 -26.59 7.12 1.26
CA ASP C 21 -27.45 7.58 0.17
C ASP C 21 -26.67 8.16 -1.01
N ASN C 22 -25.47 8.66 -0.78
CA ASN C 22 -24.73 9.31 -1.85
C ASN C 22 -23.29 8.84 -1.88
N ALA C 23 -22.64 9.20 -2.98
CA ALA C 23 -21.25 8.85 -3.20
C ALA C 23 -20.33 9.41 -2.10
N ALA C 24 -20.65 10.62 -1.61
CA ALA C 24 -19.78 11.27 -0.64
C ALA C 24 -19.67 10.48 0.65
N GLN C 25 -20.79 9.98 1.15
CA GLN C 25 -20.79 9.26 2.42
C GLN C 25 -19.93 8.00 2.33
N VAL C 26 -20.13 7.21 1.28
CA VAL C 26 -19.35 5.98 1.13
C VAL C 26 -17.86 6.29 1.02
N LYS C 27 -17.48 7.32 0.25
CA LYS C 27 -16.05 7.64 0.18
C LYS C 27 -15.50 8.02 1.54
N ASP C 28 -16.23 8.83 2.30
CA ASP C 28 -15.70 9.23 3.60
C ASP C 28 -15.59 8.03 4.52
N ALA C 29 -16.58 7.13 4.46
CA ALA C 29 -16.52 5.94 5.29
C ALA C 29 -15.35 5.06 4.87
N LEU C 30 -15.08 4.99 3.57
CA LEU C 30 -13.96 4.20 3.08
C LEU C 30 -12.63 4.80 3.49
N LYS C 31 -12.52 6.13 3.50
CA LYS C 31 -11.27 6.73 3.98
C LYS C 31 -11.06 6.45 5.46
N LYS C 32 -12.13 6.50 6.25
CA LYS C 32 -12.02 6.14 7.66
C LYS C 32 -11.68 4.66 7.81
N MET C 33 -12.20 3.81 6.92
CA MET C 33 -11.84 2.40 6.93
C MET C 33 -10.36 2.20 6.63
N ARG C 34 -9.81 2.93 5.65
CA ARG C 34 -8.40 2.79 5.34
C ARG C 34 -7.54 3.25 6.52
N LYS C 35 -7.92 4.34 7.16
CA LYS C 35 -7.21 4.77 8.36
C LYS C 35 -7.22 3.69 9.41
N ALA C 36 -8.38 3.08 9.65
CA ALA C 36 -8.47 2.06 10.69
C ALA C 36 -7.66 0.82 10.32
N ALA C 37 -7.65 0.44 9.05
CA ALA C 37 -6.87 -0.72 8.66
C ALA C 37 -5.39 -0.49 8.88
N LEU C 38 -4.88 0.65 8.37
CA LEU C 38 -3.47 0.96 8.54
C LEU C 38 -3.10 1.13 10.01
N ASP C 39 -3.99 1.71 10.80
CA ASP C 39 -3.70 1.86 12.22
C ASP C 39 -3.57 0.50 12.87
N ALA C 40 -4.53 -0.39 12.58
CA ALA C 40 -4.49 -1.75 13.12
C ALA C 40 -3.22 -2.48 12.76
N LYS C 41 -2.57 -2.09 11.66
CA LYS C 41 -1.22 -2.59 11.37
C LYS C 41 -0.26 -2.38 12.55
N LYS C 42 -0.48 -1.35 13.37
CA LYS C 42 0.48 -1.04 14.42
C LYS C 42 0.26 -1.80 15.72
N ALA C 43 -0.93 -2.36 15.93
CA ALA C 43 -1.32 -2.95 17.20
C ALA C 43 -1.02 -4.44 17.24
N THR C 44 -1.29 -5.03 18.41
CA THR C 44 -1.25 -6.47 18.62
C THR C 44 -2.63 -6.98 19.03
N PRO C 45 -3.21 -7.94 18.32
CA PRO C 45 -4.52 -8.46 18.70
C PRO C 45 -4.35 -9.38 19.90
N PRO C 46 -5.43 -9.70 20.61
CA PRO C 46 -5.29 -10.61 21.77
C PRO C 46 -4.59 -11.92 21.47
N LYS C 47 -5.02 -12.65 20.43
CA LYS C 47 -4.51 -13.98 20.13
C LYS C 47 -3.00 -14.01 19.98
N LEU C 48 -2.38 -12.86 19.71
CA LEU C 48 -0.94 -12.80 19.51
C LEU C 48 -0.23 -12.12 20.67
N GLU C 49 -0.86 -12.05 21.84
CA GLU C 49 -0.29 -11.23 22.91
C GLU C 49 1.02 -11.78 23.47
N ASP C 50 1.22 -13.10 23.52
CA ASP C 50 2.48 -13.65 23.97
C ASP C 50 3.50 -13.80 22.84
N LYS C 51 3.19 -13.28 21.65
CA LYS C 51 4.03 -13.45 20.48
C LYS C 51 4.82 -12.18 20.18
N SER C 52 5.90 -12.37 19.43
CA SER C 52 6.80 -11.27 19.13
C SER C 52 6.12 -10.24 18.22
N PRO C 53 6.52 -8.96 18.31
CA PRO C 53 6.12 -8.03 17.26
C PRO C 53 6.63 -8.48 15.89
N ALA C 54 7.68 -9.30 15.88
CA ALA C 54 8.27 -9.85 14.66
C ALA C 54 7.96 -11.32 14.44
N SER C 55 7.09 -11.92 15.26
CA SER C 55 6.77 -13.32 15.05
C SER C 55 6.11 -13.48 13.68
N PRO C 56 6.36 -14.60 13.01
CA PRO C 56 5.68 -14.86 11.71
C PRO C 56 4.18 -14.67 11.78
N GLU C 57 3.54 -15.09 12.86
CA GLU C 57 2.12 -14.81 13.04
C GLU C 57 1.86 -13.32 12.99
N MET C 58 2.70 -12.53 13.65
CA MET C 58 2.55 -11.07 13.67
C MET C 58 2.78 -10.48 12.28
N ILE C 59 3.71 -11.05 11.53
CA ILE C 59 3.95 -10.61 10.15
C ILE C 59 2.71 -10.84 9.30
N ASP C 60 2.07 -12.01 9.48
CA ASP C 60 0.87 -12.31 8.70
C ASP C 60 -0.28 -11.43 9.13
N PHE C 61 -0.30 -11.04 10.39
CA PHE C 61 -1.32 -10.10 10.85
C PHE C 61 -1.17 -8.77 10.13
N ARG C 62 0.05 -8.25 10.09
CA ARG C 62 0.28 -6.96 9.45
C ARG C 62 0.05 -7.02 7.94
N VAL C 63 0.46 -8.12 7.28
CA VAL C 63 0.22 -8.22 5.85
C VAL C 63 -1.26 -8.32 5.54
N GLY C 64 -2.03 -9.01 6.41
CA GLY C 64 -3.47 -9.06 6.24
C GLY C 64 -4.09 -7.69 6.27
N PHE C 65 -3.56 -6.80 7.12
CA PHE C 65 -4.11 -5.45 7.04
C PHE C 65 -3.64 -4.66 5.83
N ASP C 66 -2.47 -4.99 5.26
CA ASP C 66 -2.17 -4.42 3.95
C ASP C 66 -3.19 -4.89 2.91
N GLU C 67 -3.53 -6.17 2.92
CA GLU C 67 -4.55 -6.66 2.01
C GLU C 67 -5.89 -5.95 2.21
N LEU C 68 -6.27 -5.72 3.46
CA LEU C 68 -7.51 -5.00 3.70
C LEU C 68 -7.43 -3.56 3.19
N ALA C 69 -6.30 -2.89 3.38
CA ALA C 69 -6.16 -1.54 2.86
C ALA C 69 -6.30 -1.53 1.34
N TRP C 70 -5.74 -2.54 0.66
CA TRP C 70 -5.83 -2.55 -0.80
C TRP C 70 -7.25 -2.84 -1.26
N GLU C 71 -7.96 -3.71 -0.55
CA GLU C 71 -9.36 -3.98 -0.90
C GLU C 71 -10.19 -2.70 -0.75
N ILE C 72 -10.02 -2.03 0.38
CA ILE C 72 -10.70 -0.76 0.63
C ILE C 72 -10.40 0.20 -0.51
N HIS C 73 -9.16 0.22 -0.97
CA HIS C 73 -8.81 1.09 -2.08
C HIS C 73 -9.66 0.78 -3.30
N ASP C 74 -9.80 -0.50 -3.65
CA ASP C 74 -10.61 -0.83 -4.82
C ASP C 74 -12.05 -0.34 -4.64
N ALA C 75 -12.58 -0.49 -3.44
CA ALA C 75 -13.93 0.03 -3.16
C ALA C 75 -14.00 1.55 -3.32
N ALA C 76 -12.98 2.25 -2.82
CA ALA C 76 -12.96 3.71 -2.96
C ALA C 76 -12.83 4.14 -4.42
N HIS C 77 -11.98 3.45 -5.19
CA HIS C 77 -11.88 3.68 -6.64
C HIS C 77 -13.26 3.59 -7.31
N LEU C 78 -14.03 2.56 -6.95
CA LEU C 78 -15.36 2.42 -7.53
C LEU C 78 -16.23 3.61 -7.18
N ALA C 79 -16.23 3.99 -5.90
CA ALA C 79 -17.05 5.14 -5.50
C ALA C 79 -16.57 6.41 -6.20
N LYS C 80 -15.29 6.50 -6.47
CA LYS C 80 -14.79 7.69 -7.13
C LYS C 80 -15.13 7.69 -8.63
N GLU C 81 -15.26 6.53 -9.24
CA GLU C 81 -15.72 6.47 -10.62
C GLU C 81 -17.20 6.86 -10.80
N GLY C 82 -17.95 7.06 -9.72
CA GLY C 82 -19.37 7.35 -9.78
C GLY C 82 -20.27 6.14 -9.65
N LYS C 83 -19.73 4.96 -9.33
CA LYS C 83 -20.48 3.71 -9.28
C LYS C 83 -20.78 3.41 -7.81
N VAL C 84 -21.80 4.09 -7.27
CA VAL C 84 -22.07 4.03 -5.83
C VAL C 84 -22.51 2.64 -5.41
N LYS C 85 -23.36 2.00 -6.24
CA LYS C 85 -23.91 0.70 -5.90
C LYS C 85 -22.84 -0.40 -6.05
N GLU C 86 -22.02 -0.31 -7.10
CA GLU C 86 -20.88 -1.23 -7.21
C GLU C 86 -19.96 -1.08 -6.00
N ALA C 87 -19.76 0.15 -5.54
CA ALA C 87 -18.97 0.37 -4.34
C ALA C 87 -19.59 -0.29 -3.12
N GLN C 88 -20.92 -0.16 -2.95
CA GLN C 88 -21.55 -0.80 -1.79
C GLN C 88 -21.43 -2.31 -1.85
N ALA C 89 -21.47 -2.88 -3.05
CA ALA C 89 -21.27 -4.32 -3.20
C ALA C 89 -19.86 -4.71 -2.74
N ALA C 90 -18.85 -4.00 -3.24
CA ALA C 90 -17.49 -4.21 -2.75
C ALA C 90 -17.45 -4.12 -1.23
N ALA C 91 -18.17 -3.15 -0.65
CA ALA C 91 -18.17 -3.00 0.80
C ALA C 91 -18.80 -4.22 1.48
N GLU C 92 -19.84 -4.81 0.87
CA GLU C 92 -20.40 -6.04 1.42
C GLU C 92 -19.32 -7.12 1.50
N GLN C 93 -18.50 -7.23 0.46
CA GLN C 93 -17.44 -8.24 0.54
C GLN C 93 -16.40 -7.88 1.61
N LEU C 94 -16.09 -6.58 1.75
CA LEU C 94 -15.23 -6.15 2.86
C LEU C 94 -15.78 -6.59 4.19
N LYS C 95 -17.11 -6.59 4.32
CA LYS C 95 -17.72 -7.05 5.57
C LYS C 95 -17.31 -8.48 5.88
N THR C 96 -17.26 -9.33 4.85
CA THR C 96 -16.79 -10.70 5.04
C THR C 96 -15.30 -10.71 5.40
N THR C 97 -14.48 -9.93 4.70
CA THR C 97 -13.07 -9.94 5.06
C THR C 97 -12.84 -9.49 6.50
N VAL C 98 -13.54 -8.45 6.96
CA VAL C 98 -13.23 -7.87 8.27
C VAL C 98 -13.65 -8.79 9.41
N ASN C 99 -14.91 -9.25 9.42
CA ASN C 99 -15.35 -10.09 10.52
C ASN C 99 -14.60 -11.42 10.54
N ALA C 100 -14.12 -11.86 9.37
CA ALA C 100 -13.23 -13.00 9.32
C ALA C 100 -12.03 -12.77 10.21
N HIS C 101 -11.50 -11.55 10.16
CA HIS C 101 -10.36 -11.15 10.96
C HIS C 101 -10.70 -11.08 12.43
N TRP C 102 -11.94 -10.70 12.79
CA TRP C 102 -12.29 -10.63 14.21
C TRP C 102 -12.15 -12.01 14.85
N GLN C 103 -12.71 -13.03 14.21
CA GLN C 103 -12.39 -14.38 14.66
C GLN C 103 -10.95 -14.67 14.31
N LYS C 104 -10.39 -15.69 14.95
CA LYS C 104 -8.98 -16.06 14.80
C LYS C 104 -8.09 -15.10 15.57
N TYR C 105 -8.28 -13.77 15.47
CA TYR C 105 -7.38 -12.84 16.17
C TYR C 105 -7.97 -12.24 17.45
N ARG C 106 -9.18 -12.63 17.85
CA ARG C 106 -9.75 -12.02 19.05
C ARG C 106 -9.40 -12.85 20.28
#